data_2CGO
#
_entry.id   2CGO
#
_cell.length_a   86.660
_cell.length_b   86.660
_cell.length_c   147.349
_cell.angle_alpha   90.00
_cell.angle_beta   90.00
_cell.angle_gamma   90.00
#
_symmetry.space_group_name_H-M   'P 41 21 2'
#
loop_
_entity.id
_entity.type
_entity.pdbx_description
1 polymer 'HYPOXIA-INDUCIBLE FACTOR 1 ALPHA INHIBITOR'
2 non-polymer 'FE (III) ION'
3 non-polymer 'FUMARIC ACID'
4 non-polymer 'SULFATE ION'
5 water water
#
_entity_poly.entity_id   1
_entity_poly.type   'polypeptide(L)'
_entity_poly.pdbx_seq_one_letter_code
;MAATAAEAVASGSGEPREEAGALGPAWDESQLRSYSFPTRPIPRLSQSDPRAEELIENEEPVVLTDTNLVYPALKWDLEY
LQENIGNGDFSVYSASTHKFLYYDEKKMANFQNFKPRSNREEMKFHEFVEKLQDIQQRGGEERLYLQQTLNDTVGRKIVM
DFLGFNWNWINKQQGKRGWGQLTSNLLLIGMEGNVTPAHYDEQQNFFAQIKGYKRCILFPPDQFECLYPYPVHHPCDRQS
QVDFDNPDYERFPNFQNVVGYETVVGPGDVLYIPMYWWHHIESLLNGGITITVNFWYKGAPTPKRIEYPLKAHQKVAIMR
NIEKMLGEALGNPQEVGPLLNTMIKGRYN
;
_entity_poly.pdbx_strand_id   A
#
loop_
_chem_comp.id
_chem_comp.type
_chem_comp.name
_chem_comp.formula
FE non-polymer 'FE (III) ION' 'Fe 3'
FUM non-polymer 'FUMARIC ACID' 'C4 H4 O4'
SO4 non-polymer 'SULFATE ION' 'O4 S -2'
#
# COMPACT_ATOMS: atom_id res chain seq x y z
N ALA A 8 11.21 -3.22 24.15
CA ALA A 8 11.47 -1.74 24.25
C ALA A 8 11.78 -1.24 22.84
N VAL A 9 12.67 -1.97 22.12
CA VAL A 9 12.93 -1.69 20.66
C VAL A 9 11.74 -2.09 19.70
N ALA A 10 10.91 -3.05 20.14
CA ALA A 10 9.57 -3.23 19.59
C ALA A 10 8.70 -2.01 19.97
N SER A 11 9.01 -0.81 19.49
CA SER A 11 8.31 0.38 20.03
C SER A 11 6.99 0.67 19.28
N GLY A 12 6.65 -0.20 18.30
CA GLY A 12 5.60 0.02 17.30
C GLY A 12 5.67 1.43 16.73
N SER A 13 4.50 2.04 16.58
CA SER A 13 4.37 3.43 16.19
C SER A 13 4.68 4.40 17.34
N GLY A 14 4.89 3.86 18.56
CA GLY A 14 5.23 4.70 19.70
C GLY A 14 4.09 5.52 20.32
N GLU A 15 4.43 6.31 21.32
CA GLU A 15 3.40 7.08 22.01
C GLU A 15 2.87 8.19 21.09
N PRO A 16 1.53 8.28 20.95
CA PRO A 16 0.94 9.08 19.87
C PRO A 16 1.31 10.60 19.95
N ARG A 17 1.50 11.18 18.78
CA ARG A 17 1.89 12.60 18.68
C ARG A 17 0.85 13.56 19.26
N GLU A 18 1.31 14.70 19.77
CA GLU A 18 0.44 15.78 20.18
C GLU A 18 0.18 16.76 19.00
N GLU A 19 -1.08 17.09 18.76
CA GLU A 19 -1.45 18.13 17.78
C GLU A 19 -1.24 19.53 18.33
N ALA A 20 -0.79 20.41 17.45
CA ALA A 20 -0.57 21.84 17.69
C ALA A 20 -1.71 22.46 18.44
N GLY A 21 -1.40 23.42 19.28
CA GLY A 21 -2.46 24.19 20.00
C GLY A 21 -3.21 23.40 21.08
N ALA A 22 -2.59 22.31 21.55
CA ALA A 22 -2.96 21.66 22.79
C ALA A 22 -4.29 20.93 22.53
N LEU A 23 -4.43 20.46 21.29
CA LEU A 23 -5.69 19.84 20.85
C LEU A 23 -5.67 18.34 21.14
N GLY A 24 -4.67 17.85 21.87
CA GLY A 24 -4.72 16.49 22.37
C GLY A 24 -4.03 15.58 21.39
N PRO A 25 -3.99 14.29 21.77
CA PRO A 25 -3.33 13.32 20.91
C PRO A 25 -4.11 13.10 19.63
N ALA A 26 -3.38 13.06 18.53
CA ALA A 26 -3.93 12.68 17.26
C ALA A 26 -4.81 11.36 17.35
N TRP A 27 -4.31 10.33 17.99
CA TRP A 27 -5.06 9.05 18.05
C TRP A 27 -4.60 8.31 19.31
N ASP A 28 -5.24 7.20 19.64
CA ASP A 28 -4.73 6.35 20.75
C ASP A 28 -4.64 4.93 20.41
N GLU A 29 -3.92 4.17 21.22
CA GLU A 29 -3.69 2.75 20.86
C GLU A 29 -4.96 1.92 20.73
N SER A 30 -6.07 2.27 21.38
CA SER A 30 -7.35 1.57 21.16
C SER A 30 -7.77 1.54 19.67
N GLN A 31 -7.27 2.45 18.86
CA GLN A 31 -7.67 2.53 17.45
C GLN A 31 -6.84 1.61 16.54
N LEU A 32 -5.82 0.98 17.12
CA LEU A 32 -4.92 0.08 16.41
C LEU A 32 -5.42 -1.33 16.61
N ARG A 33 -5.51 -2.10 15.51
CA ARG A 33 -5.83 -3.52 15.61
C ARG A 33 -4.70 -4.28 16.21
N SER A 34 -5.01 -5.49 16.68
CA SER A 34 -4.05 -6.22 17.45
C SER A 34 -3.60 -7.47 16.66
N TYR A 35 -2.27 -7.63 16.55
CA TYR A 35 -1.60 -8.67 15.71
C TYR A 35 -0.57 -9.43 16.52
N SER A 36 -0.16 -10.59 15.96
CA SER A 36 0.74 -11.56 16.59
C SER A 36 2.24 -11.24 16.58
N PHE A 37 2.65 -10.21 15.87
CA PHE A 37 4.06 -10.04 15.56
C PHE A 37 4.65 -8.72 16.08
N PRO A 38 5.93 -8.76 16.41
CA PRO A 38 6.62 -7.56 16.81
C PRO A 38 6.81 -6.53 15.68
N THR A 39 6.97 -5.28 16.08
CA THR A 39 7.31 -4.16 15.15
C THR A 39 8.14 -3.12 15.82
N ARG A 40 8.80 -2.41 14.98
CA ARG A 40 9.78 -1.44 15.31
C ARG A 40 9.40 -0.15 14.49
N PRO A 41 9.66 1.03 15.04
CA PRO A 41 9.31 2.28 14.39
C PRO A 41 10.00 2.63 13.08
N ILE A 42 9.20 3.14 12.14
CA ILE A 42 9.78 3.86 11.00
C ILE A 42 10.20 5.24 11.46
N PRO A 43 11.41 5.65 11.08
CA PRO A 43 11.81 7.02 11.43
C PRO A 43 10.95 8.15 10.75
N ARG A 44 10.70 9.24 11.50
CA ARG A 44 9.96 10.47 11.12
C ARG A 44 11.03 11.52 11.18
N LEU A 45 11.32 12.03 10.01
CA LEU A 45 12.36 12.98 9.84
C LEU A 45 11.92 14.14 8.92
N SER A 46 12.69 15.24 9.00
CA SER A 46 12.51 16.32 8.13
C SER A 46 13.13 15.94 6.80
N GLN A 47 12.55 16.50 5.72
CA GLN A 47 13.03 16.23 4.36
C GLN A 47 14.41 16.82 4.26
N SER A 48 14.74 17.81 5.11
CA SER A 48 16.05 18.47 4.98
C SER A 48 17.13 17.72 5.75
N ASP A 49 16.73 16.69 6.48
CA ASP A 49 17.63 15.81 7.25
C ASP A 49 18.42 14.82 6.36
N PRO A 50 19.75 14.94 6.35
CA PRO A 50 20.59 13.99 5.68
C PRO A 50 20.20 12.50 5.82
N ARG A 51 19.76 12.09 7.01
CA ARG A 51 19.44 10.71 7.28
C ARG A 51 18.29 10.28 6.42
N ALA A 52 17.44 11.21 6.05
CA ALA A 52 16.21 10.81 5.34
C ALA A 52 16.60 10.48 3.95
N GLU A 53 17.39 11.33 3.34
CA GLU A 53 17.99 11.04 2.03
C GLU A 53 18.78 9.70 2.02
N GLU A 54 19.48 9.43 3.10
CA GLU A 54 20.29 8.21 3.26
C GLU A 54 19.34 6.98 3.21
N LEU A 55 18.20 7.06 3.92
CA LEU A 55 17.23 6.01 3.92
C LEU A 55 16.65 5.72 2.58
N ILE A 56 16.14 6.77 1.92
CA ILE A 56 15.59 6.65 0.56
C ILE A 56 16.62 6.06 -0.45
N GLU A 57 17.85 6.57 -0.39
CA GLU A 57 18.89 6.18 -1.31
C GLU A 57 19.10 4.68 -1.20
N ASN A 58 18.92 4.19 0.05
CA ASN A 58 19.08 2.81 0.48
C ASN A 58 17.81 2.00 0.39
N GLU A 59 16.74 2.57 -0.09
CA GLU A 59 15.50 1.83 -0.18
C GLU A 59 15.10 1.20 1.13
N GLU A 60 15.12 2.07 2.12
CA GLU A 60 14.50 1.83 3.40
C GLU A 60 13.43 2.91 3.63
N PRO A 61 12.36 2.52 4.25
CA PRO A 61 11.28 3.42 4.48
C PRO A 61 11.58 4.57 5.46
N VAL A 62 10.98 5.72 5.19
CA VAL A 62 11.04 6.87 6.08
C VAL A 62 9.78 7.62 5.96
N VAL A 63 9.33 8.19 7.08
CA VAL A 63 8.26 9.13 7.03
C VAL A 63 8.84 10.60 7.03
N LEU A 64 8.50 11.38 6.04
CA LEU A 64 8.87 12.82 5.93
C LEU A 64 7.75 13.66 6.44
N THR A 65 8.04 14.59 7.35
CA THR A 65 7.02 15.36 8.03
C THR A 65 6.66 16.70 7.42
N ASP A 66 7.61 17.23 6.66
CA ASP A 66 7.49 18.56 6.19
C ASP A 66 7.77 18.78 4.64
N THR A 67 7.32 17.90 3.76
CA THR A 67 7.63 18.03 2.34
C THR A 67 6.73 19.05 1.67
N ASN A 68 5.53 19.26 2.19
CA ASN A 68 4.54 20.07 1.56
C ASN A 68 4.10 19.48 0.25
N LEU A 69 4.32 18.18 0.11
CA LEU A 69 4.10 17.46 -1.16
C LEU A 69 2.68 17.70 -1.68
N VAL A 70 1.71 17.52 -0.78
CA VAL A 70 0.30 17.70 -1.17
C VAL A 70 -0.39 18.84 -0.35
N TYR A 71 0.33 19.93 -0.09
CA TYR A 71 -0.20 21.00 0.83
C TYR A 71 -1.64 21.40 0.49
N PRO A 72 -1.94 21.71 -0.79
CA PRO A 72 -3.29 22.16 -1.23
C PRO A 72 -4.39 21.14 -1.01
N ALA A 73 -4.04 19.86 -0.91
CA ALA A 73 -5.06 18.81 -0.76
C ALA A 73 -5.44 18.64 0.72
N LEU A 74 -4.71 19.33 1.60
CA LEU A 74 -5.04 19.23 2.99
C LEU A 74 -6.43 19.74 3.27
N LYS A 75 -6.97 20.67 2.45
CA LYS A 75 -8.39 21.14 2.59
C LYS A 75 -9.41 20.08 2.16
N TRP A 76 -8.99 19.12 1.34
CA TRP A 76 -9.89 18.06 0.81
C TRP A 76 -10.69 17.39 1.91
N ASP A 77 -11.97 17.17 1.61
CA ASP A 77 -12.91 16.39 2.43
C ASP A 77 -14.04 16.04 1.44
N LEU A 78 -14.98 15.19 1.83
CA LEU A 78 -16.00 14.74 0.91
C LEU A 78 -16.75 15.89 0.28
N GLU A 79 -17.22 16.84 1.08
CA GLU A 79 -17.93 17.97 0.49
C GLU A 79 -17.15 18.72 -0.65
N TYR A 80 -15.90 19.14 -0.41
CA TYR A 80 -15.10 19.83 -1.47
C TYR A 80 -14.90 18.90 -2.65
N LEU A 81 -14.52 17.65 -2.41
CA LEU A 81 -14.23 16.75 -3.54
C LEU A 81 -15.44 16.58 -4.46
N GLN A 82 -16.59 16.33 -3.85
CA GLN A 82 -17.82 16.13 -4.58
C GLN A 82 -18.21 17.36 -5.36
N GLU A 83 -18.02 18.53 -4.81
CA GLU A 83 -18.19 19.81 -5.52
C GLU A 83 -17.25 19.99 -6.74
N ASN A 84 -16.04 19.42 -6.68
CA ASN A 84 -14.99 19.78 -7.66
C ASN A 84 -14.33 18.65 -8.48
N ILE A 85 -14.54 17.39 -8.15
CA ILE A 85 -13.79 16.31 -8.79
C ILE A 85 -14.30 15.85 -10.19
N GLY A 86 -15.36 16.50 -10.68
CA GLY A 86 -15.91 16.18 -12.01
C GLY A 86 -16.88 15.00 -12.02
N ASN A 87 -17.29 14.67 -13.27
CA ASN A 87 -18.39 13.71 -13.57
C ASN A 87 -17.84 12.34 -13.99
N GLY A 88 -16.57 12.10 -13.73
CA GLY A 88 -15.91 10.84 -14.09
C GLY A 88 -16.49 9.71 -13.32
N ASP A 89 -16.27 8.49 -13.82
CA ASP A 89 -16.45 7.27 -12.99
C ASP A 89 -15.28 7.05 -12.04
N PHE A 90 -15.65 6.59 -10.84
CA PHE A 90 -14.76 6.18 -9.78
C PHE A 90 -14.90 4.70 -9.39
N SER A 91 -13.77 3.95 -9.49
CA SER A 91 -13.73 2.56 -9.06
C SER A 91 -13.92 2.53 -7.54
N VAL A 92 -14.93 1.78 -7.08
CA VAL A 92 -15.22 1.64 -5.64
C VAL A 92 -15.33 0.16 -5.31
N TYR A 93 -14.32 -0.30 -4.55
CA TYR A 93 -14.20 -1.70 -4.11
C TYR A 93 -15.10 -1.91 -2.89
N SER A 94 -15.64 -3.12 -2.76
CA SER A 94 -16.58 -3.43 -1.70
C SER A 94 -16.06 -4.59 -0.84
N ALA A 95 -16.56 -4.68 0.39
CA ALA A 95 -16.18 -5.80 1.23
C ALA A 95 -17.18 -6.09 2.36
N SER A 96 -17.16 -7.39 2.73
CA SER A 96 -17.97 -8.00 3.76
C SER A 96 -17.38 -7.66 5.13
N THR A 97 -16.06 -7.53 5.19
CA THR A 97 -15.35 -7.20 6.42
C THR A 97 -14.37 -6.07 6.23
N HIS A 98 -13.68 -5.69 7.29
CA HIS A 98 -12.63 -4.68 7.19
C HIS A 98 -11.49 -5.06 6.20
N LYS A 99 -11.35 -6.33 5.89
CA LYS A 99 -10.23 -6.81 5.12
C LYS A 99 -10.59 -6.78 3.67
N PHE A 100 -10.08 -5.80 2.94
CA PHE A 100 -10.22 -5.81 1.48
C PHE A 100 -9.22 -6.74 0.82
N LEU A 101 -9.64 -7.80 0.18
CA LEU A 101 -8.70 -8.55 -0.67
C LEU A 101 -9.05 -8.11 -2.10
N TYR A 102 -8.02 -7.84 -2.89
CA TYR A 102 -8.10 -7.34 -4.24
C TYR A 102 -7.75 -8.42 -5.30
N TYR A 103 -8.33 -8.32 -6.50
CA TYR A 103 -8.25 -9.34 -7.57
C TYR A 103 -7.79 -8.74 -8.87
N ASP A 104 -6.74 -9.24 -9.48
CA ASP A 104 -6.45 -8.93 -10.83
C ASP A 104 -7.40 -9.72 -11.72
N GLU A 105 -8.22 -8.96 -12.45
CA GLU A 105 -9.30 -9.47 -13.25
C GLU A 105 -8.83 -10.18 -14.52
N LYS A 106 -7.77 -9.66 -15.15
CA LYS A 106 -7.15 -10.38 -16.25
C LYS A 106 -6.76 -11.80 -15.76
N LYS A 107 -6.27 -11.92 -14.53
CA LYS A 107 -5.91 -13.26 -14.05
C LYS A 107 -7.09 -14.16 -13.66
N MET A 108 -8.28 -13.65 -13.49
CA MET A 108 -9.41 -14.51 -13.09
C MET A 108 -9.88 -15.55 -14.11
N ALA A 109 -9.38 -15.48 -15.35
CA ALA A 109 -9.59 -16.57 -16.31
C ALA A 109 -8.61 -17.74 -16.05
N ASN A 110 -7.30 -17.43 -15.91
CA ASN A 110 -6.26 -18.39 -15.46
C ASN A 110 -6.91 -19.43 -14.56
N PHE A 111 -7.52 -18.89 -13.50
CA PHE A 111 -8.10 -19.67 -12.43
C PHE A 111 -9.61 -19.78 -12.67
N GLN A 112 -10.11 -21.01 -12.70
CA GLN A 112 -11.54 -21.27 -12.82
C GLN A 112 -12.24 -21.07 -11.46
N ASN A 113 -12.13 -22.07 -10.58
CA ASN A 113 -12.77 -22.05 -9.25
C ASN A 113 -12.52 -20.74 -8.52
N PHE A 114 -13.23 -19.70 -8.97
CA PHE A 114 -12.93 -18.34 -8.52
C PHE A 114 -14.13 -17.37 -8.42
N LYS A 115 -14.03 -16.42 -7.48
CA LYS A 115 -15.06 -15.41 -7.26
C LYS A 115 -14.49 -13.99 -7.30
N ASN A 119 -15.42 -6.82 -4.72
CA ASN A 119 -16.24 -6.27 -5.81
C ASN A 119 -15.83 -4.87 -6.20
N ARG A 120 -15.42 -4.71 -7.46
CA ARG A 120 -15.28 -3.39 -8.04
C ARG A 120 -16.65 -2.92 -8.56
N GLU A 121 -16.92 -1.62 -8.42
CA GLU A 121 -18.04 -0.97 -9.08
C GLU A 121 -17.63 0.43 -9.53
N GLU A 122 -17.97 0.78 -10.76
CA GLU A 122 -17.77 2.14 -11.26
C GLU A 122 -18.99 2.98 -10.88
N MET A 123 -18.73 4.21 -10.45
CA MET A 123 -19.79 5.17 -10.11
C MET A 123 -19.27 6.60 -10.04
N LYS A 124 -20.20 7.55 -9.91
CA LYS A 124 -19.90 8.97 -9.79
C LYS A 124 -19.59 9.29 -8.33
N PHE A 125 -18.86 10.39 -8.11
CA PHE A 125 -18.36 10.68 -6.77
C PHE A 125 -19.50 10.82 -5.79
N HIS A 126 -20.59 11.42 -6.30
CA HIS A 126 -21.76 11.71 -5.50
C HIS A 126 -22.45 10.41 -5.11
N GLU A 127 -22.38 9.44 -6.01
CA GLU A 127 -22.94 8.12 -5.74
C GLU A 127 -22.15 7.49 -4.60
N PHE A 128 -20.84 7.70 -4.59
CA PHE A 128 -19.96 7.11 -3.54
C PHE A 128 -20.33 7.67 -2.16
N VAL A 129 -20.37 9.00 -2.08
CA VAL A 129 -20.64 9.74 -0.85
C VAL A 129 -22.01 9.39 -0.26
N GLU A 130 -22.98 9.20 -1.14
CA GLU A 130 -24.34 8.83 -0.79
C GLU A 130 -24.43 7.45 -0.17
N LYS A 131 -23.60 6.54 -0.69
CA LYS A 131 -23.59 5.17 -0.20
C LYS A 131 -22.99 5.17 1.18
N LEU A 132 -21.94 5.96 1.36
CA LEU A 132 -21.33 6.08 2.70
C LEU A 132 -22.37 6.73 3.57
N GLN A 133 -22.94 7.83 3.09
CA GLN A 133 -23.99 8.53 3.84
C GLN A 133 -25.10 7.58 4.27
N ASP A 134 -25.62 6.81 3.32
CA ASP A 134 -26.63 5.78 3.59
C ASP A 134 -26.18 4.81 4.70
N ILE A 135 -25.16 3.99 4.41
CA ILE A 135 -24.60 3.06 5.38
C ILE A 135 -24.46 3.68 6.77
N GLN A 136 -23.89 4.89 6.81
CA GLN A 136 -23.69 5.64 8.06
C GLN A 136 -25.03 5.76 8.80
N GLN A 137 -25.96 6.53 8.27
CA GLN A 137 -27.21 6.72 9.01
C GLN A 137 -28.16 5.49 9.04
N ARG A 138 -27.74 4.37 8.42
CA ARG A 138 -28.55 3.13 8.45
C ARG A 138 -27.91 1.95 9.23
N GLY A 139 -26.66 2.12 9.68
CA GLY A 139 -26.02 1.14 10.55
C GLY A 139 -25.59 -0.17 9.91
N GLY A 140 -25.38 -0.15 8.59
CA GLY A 140 -24.99 -1.35 7.85
C GLY A 140 -23.53 -1.71 8.09
N GLU A 141 -23.18 -2.97 7.80
CA GLU A 141 -21.82 -3.50 8.00
C GLU A 141 -20.95 -3.44 6.73
N GLU A 142 -21.56 -3.12 5.59
CA GLU A 142 -20.83 -3.03 4.31
C GLU A 142 -19.79 -1.92 4.35
N ARG A 143 -18.66 -2.20 3.70
CA ARG A 143 -17.52 -1.29 3.63
C ARG A 143 -17.10 -0.99 2.20
N LEU A 144 -16.65 0.26 2.02
CA LEU A 144 -16.30 0.78 0.72
C LEU A 144 -14.94 1.45 0.74
N TYR A 145 -14.26 1.37 -0.40
CA TYR A 145 -12.92 1.94 -0.54
C TYR A 145 -12.84 2.51 -1.95
N LEU A 146 -12.77 3.80 -2.09
CA LEU A 146 -12.55 4.42 -3.41
C LEU A 146 -11.04 4.43 -3.66
N GLN A 147 -10.69 3.94 -4.85
CA GLN A 147 -9.32 3.75 -5.27
C GLN A 147 -9.38 4.07 -6.74
N GLN A 148 -9.16 5.33 -7.08
CA GLN A 148 -9.17 5.79 -8.42
C GLN A 148 -7.97 6.68 -8.78
N THR A 149 -7.35 6.30 -9.89
CA THR A 149 -6.27 7.06 -10.46
C THR A 149 -6.83 8.36 -11.13
N LEU A 150 -6.15 9.47 -10.82
CA LEU A 150 -6.60 10.81 -11.14
C LEU A 150 -6.24 11.11 -12.56
N ASN A 151 -7.25 11.39 -13.35
CA ASN A 151 -7.16 11.44 -14.79
C ASN A 151 -7.45 12.87 -15.17
N ASP A 152 -8.08 13.11 -16.32
CA ASP A 152 -8.30 14.49 -16.79
C ASP A 152 -9.74 14.96 -16.74
N THR A 153 -10.64 14.09 -16.32
CA THR A 153 -12.02 14.51 -16.15
C THR A 153 -12.15 15.48 -14.98
N VAL A 154 -11.11 15.54 -14.14
CA VAL A 154 -11.22 16.21 -12.85
C VAL A 154 -11.43 17.71 -13.02
N GLY A 155 -12.13 18.31 -12.08
CA GLY A 155 -12.55 19.71 -12.21
C GLY A 155 -11.46 20.72 -11.95
N ARG A 156 -11.87 21.96 -12.11
CA ARG A 156 -10.98 23.14 -12.24
C ARG A 156 -10.09 23.32 -10.95
N LYS A 157 -10.79 23.24 -9.83
CA LYS A 157 -10.15 23.47 -8.53
C LYS A 157 -9.26 22.26 -8.17
N ILE A 158 -9.61 21.02 -8.59
CA ILE A 158 -8.75 19.84 -8.30
C ILE A 158 -7.48 19.97 -9.13
N VAL A 159 -7.62 20.54 -10.33
CA VAL A 159 -6.49 20.64 -11.25
C VAL A 159 -5.55 21.64 -10.58
N MET A 160 -6.16 22.63 -9.92
CA MET A 160 -5.42 23.74 -9.28
C MET A 160 -4.70 23.28 -8.06
N ASP A 161 -5.38 22.52 -7.22
CA ASP A 161 -4.69 21.86 -6.08
C ASP A 161 -3.53 21.03 -6.54
N PHE A 162 -3.75 20.22 -7.54
CA PHE A 162 -2.77 19.33 -8.04
C PHE A 162 -1.52 20.05 -8.52
N LEU A 163 -1.74 21.18 -9.16
CA LEU A 163 -0.65 22.07 -9.66
C LEU A 163 0.19 22.63 -8.51
N GLY A 164 -0.47 22.91 -7.41
CA GLY A 164 0.23 23.34 -6.23
C GLY A 164 0.92 22.25 -5.38
N PHE A 165 1.07 21.02 -5.89
CA PHE A 165 1.74 19.99 -5.17
C PHE A 165 3.21 20.38 -5.25
N ASN A 166 4.05 19.83 -4.37
CA ASN A 166 5.45 20.22 -4.33
C ASN A 166 6.26 19.38 -5.34
N TRP A 167 6.10 19.75 -6.60
CA TRP A 167 6.75 19.06 -7.73
C TRP A 167 8.27 19.27 -7.69
N ASN A 168 8.75 20.42 -7.25
CA ASN A 168 10.19 20.67 -7.18
C ASN A 168 10.85 19.56 -6.35
N TRP A 169 10.18 19.20 -5.26
CA TRP A 169 10.78 18.37 -4.26
C TRP A 169 10.84 16.94 -4.81
N ILE A 170 9.68 16.45 -5.26
CA ILE A 170 9.49 15.09 -5.70
C ILE A 170 10.22 14.82 -7.03
N ASN A 171 10.19 15.78 -7.95
CA ASN A 171 10.97 15.71 -9.19
C ASN A 171 12.46 15.59 -8.90
N LYS A 172 12.93 16.32 -7.88
CA LYS A 172 14.32 16.23 -7.48
C LYS A 172 14.61 14.81 -6.98
N GLN A 173 13.71 14.20 -6.24
CA GLN A 173 13.88 12.83 -5.75
C GLN A 173 13.93 11.85 -6.87
N GLN A 174 12.96 11.92 -7.77
CA GLN A 174 12.93 11.07 -8.93
C GLN A 174 14.33 11.16 -9.58
N GLY A 175 14.84 12.39 -9.79
CA GLY A 175 16.17 12.62 -10.36
C GLY A 175 17.32 12.09 -9.51
N LYS A 176 17.39 12.45 -8.22
CA LYS A 176 18.48 12.00 -7.33
C LYS A 176 18.56 10.46 -7.31
N ARG A 177 17.44 9.79 -7.45
CA ARG A 177 17.37 8.36 -7.31
C ARG A 177 17.49 7.60 -8.62
N GLY A 178 17.58 8.29 -9.73
CA GLY A 178 17.58 7.63 -11.00
C GLY A 178 16.31 6.86 -11.30
N TRP A 179 15.23 7.17 -10.61
CA TRP A 179 13.98 6.45 -10.87
C TRP A 179 13.49 6.73 -12.27
N GLY A 180 12.64 5.84 -12.75
CA GLY A 180 11.99 6.02 -14.00
C GLY A 180 10.87 7.00 -13.91
N GLN A 181 9.84 6.77 -14.71
CA GLN A 181 8.74 7.73 -14.88
C GLN A 181 7.73 7.66 -13.72
N LEU A 182 7.06 8.78 -13.41
CA LEU A 182 5.86 8.71 -12.54
C LEU A 182 4.72 8.01 -13.25
N THR A 183 4.32 6.82 -12.84
CA THR A 183 3.26 6.11 -13.58
C THR A 183 1.82 6.54 -13.27
N SER A 184 1.51 6.83 -12.02
CA SER A 184 0.14 7.19 -11.68
C SER A 184 0.10 7.86 -10.30
N ASN A 185 -1.01 8.50 -10.03
CA ASN A 185 -1.33 8.96 -8.72
C ASN A 185 -2.62 8.25 -8.46
N LEU A 186 -2.73 7.56 -7.36
CA LEU A 186 -3.95 6.88 -7.05
C LEU A 186 -4.55 7.70 -5.93
N LEU A 187 -5.87 7.92 -5.99
CA LEU A 187 -6.62 8.56 -4.88
C LEU A 187 -7.31 7.48 -4.09
N LEU A 188 -7.11 7.49 -2.77
CA LEU A 188 -7.74 6.48 -1.92
C LEU A 188 -8.57 7.11 -0.84
N ILE A 189 -9.82 6.67 -0.73
CA ILE A 189 -10.70 7.26 0.26
C ILE A 189 -11.34 6.12 0.90
N GLY A 190 -11.03 5.91 2.18
CA GLY A 190 -11.51 4.78 2.90
C GLY A 190 -12.38 5.15 4.07
N MET A 191 -13.20 4.19 4.46
CA MET A 191 -13.93 4.19 5.71
C MET A 191 -13.00 3.76 6.87
N GLU A 192 -13.17 4.39 8.05
CA GLU A 192 -12.45 3.98 9.27
C GLU A 192 -12.50 2.48 9.45
N GLY A 193 -11.40 1.83 9.80
CA GLY A 193 -11.38 0.38 9.98
C GLY A 193 -10.96 -0.43 8.78
N ASN A 194 -11.04 0.19 7.59
CA ASN A 194 -10.62 -0.46 6.33
C ASN A 194 -9.17 -0.95 6.39
N VAL A 195 -8.93 -2.15 5.87
CA VAL A 195 -7.61 -2.70 5.90
C VAL A 195 -7.25 -3.17 4.50
N THR A 196 -6.13 -2.68 4.00
CA THR A 196 -5.51 -3.29 2.83
C THR A 196 -4.47 -4.20 3.37
N PRO A 197 -4.64 -5.50 3.17
CA PRO A 197 -3.72 -6.49 3.69
C PRO A 197 -2.34 -6.56 3.02
N ALA A 198 -1.40 -7.22 3.71
CA ALA A 198 -0.03 -7.24 3.33
C ALA A 198 0.09 -7.63 1.85
N HIS A 199 0.78 -6.74 1.11
CA HIS A 199 1.23 -7.03 -0.23
C HIS A 199 2.43 -6.20 -0.54
N TYR A 200 3.01 -6.45 -1.70
CA TYR A 200 4.08 -5.67 -2.23
C TYR A 200 3.74 -5.16 -3.67
N ASP A 201 4.38 -4.03 -4.04
CA ASP A 201 4.23 -3.37 -5.37
C ASP A 201 5.61 -3.43 -5.95
N GLU A 202 5.70 -3.41 -7.26
CA GLU A 202 7.00 -3.43 -7.91
C GLU A 202 7.53 -2.03 -8.22
N GLN A 203 6.80 -0.99 -7.86
CA GLN A 203 7.24 0.41 -8.05
C GLN A 203 7.55 1.09 -6.73
N GLN A 204 8.35 2.16 -6.82
CA GLN A 204 8.70 3.02 -5.73
C GLN A 204 7.49 3.88 -5.44
N ASN A 205 7.24 4.11 -4.15
CA ASN A 205 5.97 4.80 -3.76
C ASN A 205 6.22 5.91 -2.75
N PHE A 206 5.80 7.14 -3.07
CA PHE A 206 5.48 8.14 -2.05
C PHE A 206 4.00 8.18 -1.73
N PHE A 207 3.69 7.86 -0.47
CA PHE A 207 2.34 7.65 0.08
C PHE A 207 2.06 8.93 0.86
N ALA A 208 1.24 9.80 0.28
CA ALA A 208 0.99 11.14 0.78
C ALA A 208 -0.34 11.21 1.53
N GLN A 209 -0.25 11.23 2.87
CA GLN A 209 -1.44 11.30 3.67
C GLN A 209 -2.02 12.77 3.74
N ILE A 210 -3.35 12.79 3.68
CA ILE A 210 -4.11 13.99 3.44
C ILE A 210 -5.19 14.21 4.51
N LYS A 211 -5.98 13.19 4.81
CA LYS A 211 -7.02 13.36 5.83
C LYS A 211 -7.07 12.05 6.64
N GLY A 212 -7.23 12.15 7.98
CA GLY A 212 -7.37 11.03 8.82
C GLY A 212 -6.02 10.34 9.01
N TYR A 213 -6.08 9.21 9.68
CA TYR A 213 -4.84 8.54 10.10
C TYR A 213 -4.82 7.14 9.60
N LYS A 214 -3.64 6.70 9.18
CA LYS A 214 -3.45 5.34 8.76
C LYS A 214 -2.21 4.73 9.37
N ARG A 215 -2.36 3.50 9.85
CA ARG A 215 -1.27 2.74 10.42
C ARG A 215 -0.77 1.85 9.28
N CYS A 216 0.53 2.00 9.06
CA CYS A 216 1.27 1.37 7.96
C CYS A 216 2.26 0.44 8.56
N ILE A 217 2.08 -0.84 8.26
CA ILE A 217 3.00 -1.87 8.71
C ILE A 217 3.77 -2.44 7.52
N LEU A 218 5.09 -2.24 7.54
CA LEU A 218 5.98 -2.66 6.42
C LEU A 218 6.89 -3.85 6.81
N PHE A 219 7.14 -4.74 5.86
CA PHE A 219 8.05 -5.77 5.98
C PHE A 219 9.08 -5.72 4.78
N PRO A 220 10.36 -5.89 5.10
CA PRO A 220 11.38 -5.91 4.07
C PRO A 220 11.23 -7.10 3.12
N PRO A 221 11.76 -6.96 1.90
CA PRO A 221 11.65 -7.93 0.88
C PRO A 221 12.26 -9.30 1.27
N ASP A 222 13.26 -9.29 2.16
CA ASP A 222 13.84 -10.54 2.70
C ASP A 222 12.98 -11.31 3.68
N GLN A 223 11.78 -10.88 3.99
CA GLN A 223 10.75 -11.65 4.69
C GLN A 223 9.72 -12.32 3.75
N PHE A 224 10.05 -12.40 2.45
CA PHE A 224 9.23 -13.17 1.53
C PHE A 224 8.83 -14.59 2.12
N GLU A 225 9.84 -15.31 2.66
CA GLU A 225 9.59 -16.69 3.28
C GLU A 225 8.57 -16.68 4.44
N CYS A 226 8.37 -15.52 5.10
CA CYS A 226 7.40 -15.42 6.17
C CYS A 226 6.02 -15.02 5.76
N LEU A 227 5.89 -14.53 4.52
CA LEU A 227 4.63 -13.85 4.11
C LEU A 227 3.81 -14.55 3.06
N TYR A 228 4.41 -15.56 2.42
CA TYR A 228 3.64 -16.52 1.61
C TYR A 228 2.66 -15.92 0.58
N PRO A 229 3.23 -15.17 -0.38
CA PRO A 229 2.45 -14.58 -1.49
C PRO A 229 1.75 -15.66 -2.31
N TYR A 230 0.52 -15.42 -2.72
CA TYR A 230 -0.14 -16.22 -3.68
C TYR A 230 0.75 -16.51 -4.95
N PRO A 231 0.48 -17.60 -5.66
CA PRO A 231 1.08 -17.84 -6.96
C PRO A 231 0.99 -16.62 -7.90
N VAL A 232 2.00 -16.39 -8.72
CA VAL A 232 2.01 -15.27 -9.65
C VAL A 232 0.77 -15.22 -10.56
N HIS A 233 0.31 -16.32 -11.07
CA HIS A 233 -0.86 -16.34 -11.90
C HIS A 233 -2.19 -16.34 -11.16
N HIS A 234 -2.14 -16.34 -9.85
CA HIS A 234 -3.39 -16.18 -9.08
C HIS A 234 -3.87 -14.74 -9.13
N PRO A 235 -5.19 -14.52 -9.10
CA PRO A 235 -5.76 -13.13 -9.02
C PRO A 235 -5.24 -12.28 -7.86
N CYS A 236 -4.74 -12.95 -6.79
CA CYS A 236 -4.22 -12.26 -5.63
C CYS A 236 -2.73 -12.18 -5.62
N ASP A 237 -2.14 -12.35 -6.80
CA ASP A 237 -0.73 -12.10 -7.00
C ASP A 237 -0.31 -10.91 -6.17
N ARG A 238 0.80 -11.07 -5.46
CA ARG A 238 1.48 -10.02 -4.69
C ARG A 238 0.95 -9.79 -3.27
N GLN A 239 -0.14 -10.48 -2.92
CA GLN A 239 -0.72 -10.31 -1.59
C GLN A 239 -0.27 -11.54 -0.81
N SER A 240 -0.13 -11.39 0.51
CA SER A 240 0.09 -12.52 1.45
C SER A 240 -1.13 -13.41 1.54
N GLN A 241 -0.90 -14.75 1.66
CA GLN A 241 -1.97 -15.69 1.93
C GLN A 241 -2.36 -15.70 3.43
N VAL A 242 -1.53 -15.11 4.29
CA VAL A 242 -1.75 -15.25 5.70
C VAL A 242 -2.80 -14.24 6.14
N ASP A 243 -3.85 -14.69 6.83
CA ASP A 243 -4.79 -13.77 7.51
C ASP A 243 -4.21 -13.31 8.85
N PHE A 244 -3.84 -12.04 8.91
CA PHE A 244 -3.14 -11.49 10.07
C PHE A 244 -3.98 -11.58 11.36
N ASP A 245 -5.30 -11.64 11.19
CA ASP A 245 -6.25 -11.74 12.29
C ASP A 245 -6.37 -13.21 12.76
N ASN A 246 -6.16 -14.18 11.88
CA ASN A 246 -6.15 -15.61 12.30
C ASN A 246 -5.13 -16.40 11.52
N PRO A 247 -3.86 -16.21 11.89
CA PRO A 247 -2.79 -16.80 11.11
C PRO A 247 -2.77 -18.29 11.28
N ASP A 248 -2.70 -18.97 10.14
CA ASP A 248 -2.60 -20.43 10.13
C ASP A 248 -1.13 -20.87 10.16
N TYR A 249 -0.59 -21.14 11.34
CA TYR A 249 0.82 -21.50 11.49
C TYR A 249 1.20 -22.86 11.00
N GLU A 250 0.21 -23.71 10.76
CA GLU A 250 0.49 -24.94 10.12
C GLU A 250 0.76 -24.78 8.64
N ARG A 251 -0.02 -23.94 7.95
CA ARG A 251 0.26 -23.72 6.56
C ARG A 251 1.44 -22.74 6.42
N PHE A 252 1.58 -21.79 7.37
CA PHE A 252 2.50 -20.71 7.22
C PHE A 252 3.46 -20.57 8.40
N PRO A 253 4.28 -21.62 8.65
CA PRO A 253 4.96 -21.67 9.91
C PRO A 253 5.87 -20.49 10.15
N ASN A 254 6.49 -20.01 9.08
CA ASN A 254 7.46 -18.89 9.25
C ASN A 254 6.78 -17.54 9.49
N PHE A 255 5.48 -17.48 9.49
CA PHE A 255 4.87 -16.20 9.88
C PHE A 255 5.14 -15.90 11.39
N GLN A 256 5.48 -16.93 12.15
CA GLN A 256 5.92 -16.85 13.54
C GLN A 256 7.22 -16.13 13.68
N ASN A 257 7.95 -15.96 12.60
CA ASN A 257 9.25 -15.27 12.61
C ASN A 257 9.23 -13.84 12.03
N VAL A 258 8.06 -13.43 11.58
CA VAL A 258 7.89 -12.08 10.91
C VAL A 258 8.05 -10.88 11.91
N VAL A 259 8.92 -9.92 11.51
CA VAL A 259 9.15 -8.68 12.22
C VAL A 259 8.89 -7.48 11.27
N GLY A 260 7.95 -6.63 11.64
CA GLY A 260 7.58 -5.43 10.91
C GLY A 260 8.16 -4.06 11.36
N TYR A 261 7.92 -3.05 10.50
CA TYR A 261 8.26 -1.72 10.76
C TYR A 261 6.95 -0.99 10.66
N GLU A 262 6.66 -0.14 11.64
CA GLU A 262 5.34 0.53 11.63
C GLU A 262 5.39 1.96 12.01
N THR A 263 4.34 2.61 11.57
CA THR A 263 4.16 4.01 11.85
C THR A 263 2.71 4.37 11.65
N VAL A 264 2.33 5.47 12.25
CA VAL A 264 1.03 6.07 11.93
C VAL A 264 1.23 7.43 11.22
N VAL A 265 0.59 7.52 10.03
CA VAL A 265 0.66 8.75 9.22
C VAL A 265 -0.62 9.52 9.31
N GLY A 266 -0.49 10.81 9.49
CA GLY A 266 -1.60 11.72 9.31
C GLY A 266 -1.39 12.85 8.34
N PRO A 267 -2.37 13.80 8.35
CA PRO A 267 -2.35 14.92 7.38
C PRO A 267 -0.98 15.55 7.24
N GLY A 268 -0.39 15.46 6.03
CA GLY A 268 0.89 16.14 5.75
C GLY A 268 2.11 15.27 5.77
N ASP A 269 1.98 14.05 6.25
CA ASP A 269 3.11 13.17 6.27
C ASP A 269 3.13 12.43 4.90
N VAL A 270 4.36 12.18 4.47
CA VAL A 270 4.69 11.36 3.29
C VAL A 270 5.52 10.13 3.76
N LEU A 271 5.00 8.94 3.48
CA LEU A 271 5.73 7.66 3.78
C LEU A 271 6.35 7.13 2.44
N TYR A 272 7.67 7.00 2.40
CA TYR A 272 8.36 6.39 1.33
C TYR A 272 8.25 4.89 1.58
N ILE A 273 7.48 4.23 0.72
CA ILE A 273 7.40 2.77 0.62
C ILE A 273 8.29 2.25 -0.52
N PRO A 274 9.47 1.69 -0.15
CA PRO A 274 10.35 1.20 -1.20
C PRO A 274 9.77 0.02 -1.96
N MET A 275 10.19 -0.07 -3.22
CA MET A 275 9.86 -1.09 -4.20
C MET A 275 10.06 -2.44 -3.55
N TYR A 276 9.08 -3.34 -3.73
CA TYR A 276 9.08 -4.73 -3.13
C TYR A 276 8.96 -4.83 -1.61
N TRP A 277 8.90 -3.71 -0.89
CA TRP A 277 8.50 -3.83 0.56
C TRP A 277 7.07 -4.15 0.74
N TRP A 278 6.81 -5.16 1.58
CA TRP A 278 5.43 -5.51 1.97
C TRP A 278 4.85 -4.36 2.76
N HIS A 279 3.57 -4.04 2.56
CA HIS A 279 2.88 -3.09 3.35
C HIS A 279 1.46 -3.54 3.54
N HIS A 280 1.02 -3.26 4.75
CA HIS A 280 -0.29 -3.58 5.30
C HIS A 280 -0.80 -2.22 5.80
N ILE A 281 -1.98 -1.76 5.34
CA ILE A 281 -2.39 -0.33 5.55
C ILE A 281 -3.76 -0.33 6.21
N GLU A 282 -3.90 0.29 7.38
CA GLU A 282 -5.19 0.29 8.05
C GLU A 282 -5.63 1.66 8.54
N SER A 283 -6.86 2.01 8.17
CA SER A 283 -7.44 3.27 8.54
C SER A 283 -7.89 3.20 9.98
N LEU A 284 -7.43 4.08 10.86
CA LEU A 284 -7.67 3.88 12.34
C LEU A 284 -9.15 3.67 12.67
N LEU A 285 -9.41 2.76 13.63
CA LEU A 285 -10.77 2.46 14.07
C LEU A 285 -11.31 3.78 14.71
N ASN A 286 -12.58 4.06 14.46
CA ASN A 286 -13.26 5.27 14.96
C ASN A 286 -12.47 6.57 14.69
N GLY A 287 -11.75 6.60 13.57
CA GLY A 287 -10.91 7.74 13.24
C GLY A 287 -11.50 8.54 12.11
N GLY A 288 -12.66 8.12 11.58
CA GLY A 288 -13.33 8.78 10.45
C GLY A 288 -12.72 8.42 9.12
N ILE A 289 -13.06 9.14 8.05
CA ILE A 289 -12.67 8.71 6.71
C ILE A 289 -11.24 9.10 6.45
N THR A 290 -10.59 8.32 5.62
CA THR A 290 -9.18 8.55 5.31
C THR A 290 -9.04 8.95 3.84
N ILE A 291 -8.12 9.88 3.61
CA ILE A 291 -7.74 10.30 2.26
C ILE A 291 -6.22 10.27 2.14
N THR A 292 -5.78 9.64 1.04
CA THR A 292 -4.40 9.46 0.69
C THR A 292 -4.33 9.55 -0.84
N VAL A 293 -3.19 10.05 -1.29
CA VAL A 293 -2.77 9.96 -2.69
C VAL A 293 -1.37 9.36 -2.74
N ASN A 294 -1.19 8.31 -3.56
CA ASN A 294 0.13 7.73 -3.86
C ASN A 294 0.72 8.36 -5.12
N PHE A 295 2.07 8.32 -5.18
CA PHE A 295 2.89 8.68 -6.33
C PHE A 295 3.76 7.46 -6.64
N TRP A 296 3.44 6.76 -7.69
CA TRP A 296 4.24 5.65 -8.09
C TRP A 296 5.20 5.97 -9.22
N TYR A 297 6.43 5.53 -9.06
CA TYR A 297 7.57 5.68 -9.96
C TYR A 297 8.14 4.35 -10.26
N LYS A 298 8.48 4.07 -11.52
CA LYS A 298 9.29 2.87 -11.84
C LYS A 298 10.67 2.98 -11.20
N GLY A 299 11.24 1.92 -10.66
CA GLY A 299 12.58 2.03 -10.08
C GLY A 299 13.67 2.27 -11.13
N ALA A 300 14.86 2.63 -10.65
CA ALA A 300 16.10 2.66 -11.44
C ALA A 300 16.34 1.37 -12.26
N PRO A 301 16.97 1.54 -13.42
CA PRO A 301 17.29 0.37 -14.24
C PRO A 301 18.36 -0.47 -13.57
N THR A 302 18.33 -1.77 -13.88
CA THR A 302 19.31 -2.72 -13.37
C THR A 302 20.73 -2.41 -13.89
N PRO A 303 21.70 -2.18 -12.99
CA PRO A 303 23.11 -1.94 -13.36
C PRO A 303 23.78 -2.92 -14.32
N LYS A 304 24.91 -2.44 -14.83
CA LYS A 304 25.87 -3.16 -15.71
C LYS A 304 25.43 -4.57 -16.14
N ARG A 305 26.25 -5.58 -15.86
CA ARG A 305 25.72 -6.91 -15.53
C ARG A 305 25.46 -6.84 -14.00
N ILE A 306 25.70 -7.95 -13.29
CA ILE A 306 25.16 -8.10 -11.93
C ILE A 306 26.23 -7.87 -10.86
N GLU A 307 25.78 -7.43 -9.69
CA GLU A 307 26.65 -7.32 -8.54
C GLU A 307 26.15 -8.32 -7.51
N TYR A 308 26.95 -9.30 -7.19
CA TYR A 308 26.60 -10.26 -6.16
C TYR A 308 27.14 -9.68 -4.91
N PRO A 309 26.51 -9.97 -3.75
CA PRO A 309 25.51 -10.95 -3.28
C PRO A 309 24.16 -11.15 -4.02
N LEU A 310 23.52 -10.03 -4.37
CA LEU A 310 22.12 -9.98 -4.92
C LEU A 310 21.18 -9.52 -3.80
N LYS A 311 20.40 -8.45 -4.03
CA LYS A 311 19.46 -7.96 -3.05
C LYS A 311 18.23 -8.91 -2.94
N ALA A 312 17.57 -8.93 -1.78
CA ALA A 312 16.37 -9.73 -1.63
C ALA A 312 15.38 -9.47 -2.75
N HIS A 313 15.21 -8.24 -3.16
CA HIS A 313 14.22 -7.93 -4.16
C HIS A 313 14.57 -8.39 -5.56
N GLN A 314 15.86 -8.54 -5.82
CA GLN A 314 16.30 -9.25 -7.05
C GLN A 314 15.94 -10.73 -7.08
N LYS A 315 16.03 -11.36 -5.91
CA LYS A 315 15.60 -12.80 -5.78
C LYS A 315 14.09 -12.93 -5.91
N VAL A 316 13.36 -11.94 -5.39
CA VAL A 316 11.91 -11.98 -5.58
C VAL A 316 11.57 -11.90 -7.07
N ALA A 317 12.26 -11.01 -7.74
CA ALA A 317 12.16 -10.82 -9.19
C ALA A 317 12.48 -12.10 -9.98
N ILE A 318 13.58 -12.76 -9.61
CA ILE A 318 13.94 -14.10 -10.13
C ILE A 318 12.82 -15.10 -9.91
N MET A 319 12.23 -15.16 -8.71
CA MET A 319 11.20 -16.13 -8.51
C MET A 319 9.98 -15.82 -9.31
N ARG A 320 9.61 -14.52 -9.43
CA ARG A 320 8.39 -14.18 -10.21
C ARG A 320 8.60 -14.65 -11.64
N ASN A 321 9.80 -14.39 -12.18
CA ASN A 321 10.05 -14.65 -13.60
C ASN A 321 10.05 -16.14 -13.88
N ILE A 322 10.64 -16.97 -13.01
CA ILE A 322 10.52 -18.43 -13.14
C ILE A 322 9.09 -18.86 -13.15
N GLU A 323 8.24 -18.32 -12.27
CA GLU A 323 6.83 -18.73 -12.28
C GLU A 323 6.17 -18.38 -13.57
N LYS A 324 6.44 -17.18 -14.04
CA LYS A 324 5.83 -16.69 -15.29
C LYS A 324 6.31 -17.50 -16.48
N MET A 325 7.60 -17.74 -16.61
CA MET A 325 8.11 -18.48 -17.78
C MET A 325 7.56 -19.91 -17.75
N LEU A 326 7.54 -20.52 -16.60
CA LEU A 326 7.04 -21.88 -16.56
C LEU A 326 5.55 -21.91 -16.91
N GLY A 327 4.81 -20.89 -16.56
CA GLY A 327 3.44 -20.79 -17.06
C GLY A 327 3.37 -20.74 -18.59
N GLU A 328 4.28 -20.02 -19.24
CA GLU A 328 4.22 -19.97 -20.72
C GLU A 328 4.60 -21.25 -21.33
N ALA A 329 5.73 -21.80 -20.89
CA ALA A 329 6.26 -23.06 -21.35
C ALA A 329 5.28 -24.22 -21.19
N LEU A 330 4.60 -24.34 -20.07
CA LEU A 330 3.70 -25.52 -19.87
C LEU A 330 2.39 -25.35 -20.57
N GLY A 331 2.12 -24.13 -21.04
CA GLY A 331 0.88 -23.83 -21.72
C GLY A 331 -0.29 -23.67 -20.77
N ASN A 332 -0.06 -23.68 -19.46
CA ASN A 332 -1.15 -23.71 -18.49
C ASN A 332 -0.64 -23.34 -17.11
N PRO A 333 -1.01 -22.16 -16.59
CA PRO A 333 -0.57 -21.80 -15.27
C PRO A 333 -0.86 -22.80 -14.19
N GLN A 334 -1.88 -23.64 -14.33
CA GLN A 334 -2.16 -24.65 -13.31
C GLN A 334 -1.14 -25.75 -13.18
N GLU A 335 -0.25 -25.91 -14.16
CA GLU A 335 0.73 -26.97 -14.16
C GLU A 335 1.96 -26.54 -13.40
N VAL A 336 2.07 -25.26 -13.11
CA VAL A 336 3.27 -24.71 -12.51
C VAL A 336 3.60 -25.45 -11.22
N GLY A 337 2.63 -25.58 -10.38
CA GLY A 337 2.88 -26.09 -9.10
C GLY A 337 3.30 -27.58 -9.11
N PRO A 338 2.51 -28.43 -9.75
CA PRO A 338 2.90 -29.80 -9.91
C PRO A 338 4.34 -29.97 -10.48
N LEU A 339 4.77 -29.10 -11.39
CA LEU A 339 6.13 -29.24 -11.96
C LEU A 339 7.21 -28.84 -11.01
N LEU A 340 6.95 -27.72 -10.30
CA LEU A 340 7.82 -27.21 -9.24
C LEU A 340 8.05 -28.23 -8.12
N ASN A 341 6.98 -28.82 -7.67
CA ASN A 341 7.11 -29.95 -6.76
C ASN A 341 7.90 -31.15 -7.26
N THR A 342 7.61 -31.61 -8.46
CA THR A 342 8.40 -32.71 -9.07
C THR A 342 9.90 -32.34 -9.10
N MET A 343 10.21 -31.08 -9.37
CA MET A 343 11.59 -30.62 -9.34
C MET A 343 12.32 -30.67 -7.99
N ILE A 344 11.63 -30.38 -6.87
CA ILE A 344 12.30 -30.32 -5.62
C ILE A 344 12.21 -31.49 -4.77
N LYS A 345 11.10 -32.25 -4.80
CA LYS A 345 10.93 -33.37 -3.87
C LYS A 345 11.91 -34.45 -4.01
N GLY A 346 12.54 -34.72 -2.89
CA GLY A 346 13.60 -35.66 -2.83
C GLY A 346 14.84 -35.22 -3.57
N ARG A 347 14.90 -33.97 -4.02
CA ARG A 347 16.08 -33.44 -4.86
C ARG A 347 16.72 -32.22 -4.21
N TYR A 348 15.87 -31.30 -3.81
CA TYR A 348 16.34 -30.07 -3.13
C TYR A 348 15.72 -29.84 -1.78
N ASN A 349 14.82 -30.67 -1.31
CA ASN A 349 14.29 -30.38 0.04
C ASN A 349 14.74 -31.43 1.09
FE FE B . 0.38 -1.05 -2.30
OXT FUM C . -1.39 -0.40 -1.18
C FUM C . -1.24 0.89 -1.03
O FUM C . -0.25 1.55 -1.48
C4 FUM C . -2.20 1.61 -0.17
C5 FUM C . -3.34 1.06 0.24
C6 FUM C . -4.20 1.85 1.14
O7 FUM C . -3.81 3.01 1.52
O8 FUM C . -5.27 1.31 1.54
S SO4 D . -25.41 -3.90 5.12
O1 SO4 D . -26.29 -3.59 6.26
O2 SO4 D . -26.07 -4.78 4.16
O3 SO4 D . -24.97 -2.66 4.47
O4 SO4 D . -24.24 -4.61 5.66
S SO4 E . -14.44 1.16 13.11
O1 SO4 E . -14.25 0.96 11.68
O2 SO4 E . -14.12 2.54 13.46
O3 SO4 E . -15.84 0.84 13.39
O4 SO4 E . -13.57 0.27 13.90
S SO4 F . -3.96 -1.08 -3.47
S SO4 F . -2.97 -5.00 -4.03
O1 SO4 F . -4.99 -1.73 -2.67
O1 SO4 F . -2.55 -5.90 -2.97
O2 SO4 F . -2.95 -2.12 -3.52
O2 SO4 F . -1.85 -4.84 -4.96
O3 SO4 F . -4.42 -0.56 -4.78
O3 SO4 F . -4.04 -5.77 -4.68
O4 SO4 F . -3.51 0.17 -2.89
O4 SO4 F . -3.39 -3.73 -3.42
S SO4 G . 18.58 -6.76 1.06
O1 SO4 G . 17.15 -6.40 1.17
O2 SO4 G . 18.95 -6.74 -0.35
O3 SO4 G . 19.39 -5.75 1.73
O4 SO4 G . 18.79 -8.09 1.69
#